data_8HNC
#
_entry.id   8HNC
#
loop_
_entity.id
_entity.type
_entity.pdbx_description
1 polymer 'Solute carrier organic anion transporter family member 1B1'
2 branched 2-acetamido-2-deoxy-beta-D-glucopyranose-(1-4)-2-acetamido-2-deoxy-beta-D-glucopyranose
3 non-polymer '3-[5-[(Z)-(4-ethenyl-3-methyl-5-oxidanylidene-pyrrol-2-ylidene)methyl]-2-[[5-[(Z)-(3-ethenyl-4-methyl-5-oxidanylidene-pyrrol-2-ylidene)methyl]-3-(3-hydroxy-3-oxopropyl)-4-methyl-1H-pyrrol-2-yl]methyl]-4-methyl-1H-pyrrol-3-yl]propanoic acid'
4 non-polymer 2-acetamido-2-deoxy-beta-D-glucopyranose
#
_entity_poly.entity_id   1
_entity_poly.type   'polypeptide(L)'
_entity_poly.pdbx_seq_one_letter_code
;MADYKDDDDKSGPDEVDASGRMDQNQHLNKTAEAQPSENKKTRYCNGLKMFLAALSLSFIAKTLGAIIMKSSIIHIERRF
EISSSLVGFIDGSFEIGNLLVIVFVSYFGSKLHRPKLIGIGCFIMGIGGVLTALPHFFMGYYRYSKETNINSSENSTSTL
STCLINQILSLNRASPEIVGKGCLKESGSYMWIYVFMGNMLRGIGETPIVPLGLSYIDDFAKEGHSSLYLGILNAIAMIG
PIIGFTLGSLFSKMYVDIGYVDLSTIRITPTDSRWVGAWWLNFLVSGLFSIISSIPFFFLPQTPNKPQKERKASLSLHVL
ETNDEKDQTANLTNQGKNITKNVTGFFQSFKSILTNPLYVMFVLLTLLQVSSYIGAFTYVFKYVEQQYGQPSSKANILLG
VITIPIFASGMFLGGYIIKKFKLNTVGIAKFSCFTAVMSLSFYLLYFFILCENKSVAGLTMTYDGNNPVTSHRDVPLSYC
NSDCNCDESQWEPVCGNNGITYISPCLAGCKSSSGNKKPIVFYNCSCLEVTGLQNRNYSAHLGECPRDDACTRKFYFFVA
IQVLNLFFSALGGTSHVMLIVKIVQPELKSLALGFHSMVIRALGGILAPIYFGALIDTTCIKWSTNNCGTRGSCRTYNST
SFSRVYLGLSSMLRVSSLVLYIILIYAMKKKYQEKDINASENGSVMDEANLESLNKNKHFVPSAGADSETHC
;
_entity_poly.pdbx_strand_id   A
#
loop_
_chem_comp.id
_chem_comp.type
_chem_comp.name
_chem_comp.formula
BLR non-polymer '3-[5-[(Z)-(4-ethenyl-3-methyl-5-oxidanylidene-pyrrol-2-ylidene)methyl]-2-[[5-[(Z)-(3-ethenyl-4-methyl-5-oxidanylidene-pyrrol-2-ylidene)methyl]-3-(3-hydroxy-3-oxopropyl)-4-methyl-1H-pyrrol-2-yl]methyl]-4-methyl-1H-pyrrol-3-yl]propanoic acid' 'C33 H36 N4 O6'
NAG D-saccharide, beta linking 2-acetamido-2-deoxy-beta-D-glucopyranose 'C8 H15 N O6'
#
# COMPACT_ATOMS: atom_id res chain seq x y z
N ASN A 46 -7.02 34.28 17.69
CA ASN A 46 -6.50 33.32 16.75
C ASN A 46 -4.98 33.27 16.79
N GLY A 47 -4.32 33.83 15.77
CA GLY A 47 -2.86 33.84 15.73
C GLY A 47 -2.26 32.66 15.00
N LEU A 48 -1.50 31.84 15.71
CA LEU A 48 -0.89 30.66 15.09
C LEU A 48 -1.99 29.75 14.57
N LYS A 49 -3.19 29.88 15.11
CA LYS A 49 -4.30 29.02 14.69
C LYS A 49 -4.58 29.14 13.20
N MET A 50 -4.39 30.34 12.64
CA MET A 50 -4.58 30.51 11.21
C MET A 50 -3.59 29.68 10.42
N PHE A 51 -2.30 29.75 10.79
CA PHE A 51 -1.31 28.89 10.15
C PHE A 51 -1.65 27.42 10.36
N LEU A 52 -2.17 27.07 11.54
CA LEU A 52 -2.53 25.68 11.79
C LEU A 52 -3.60 25.22 10.80
N ALA A 53 -4.60 26.07 10.56
CA ALA A 53 -5.65 25.72 9.62
C ALA A 53 -5.10 25.59 8.19
N ALA A 54 -4.25 26.54 7.79
CA ALA A 54 -3.68 26.47 6.44
C ALA A 54 -2.82 25.21 6.28
N LEU A 55 -2.04 24.86 7.29
CA LEU A 55 -1.23 23.66 7.22
C LEU A 55 -2.09 22.40 7.21
N SER A 56 -3.23 22.43 7.92
CA SER A 56 -4.15 21.31 7.85
C SER A 56 -4.70 21.14 6.44
N LEU A 57 -5.07 22.25 5.80
CA LEU A 57 -5.54 22.19 4.42
C LEU A 57 -4.45 21.63 3.51
N SER A 58 -3.20 22.03 3.74
CA SER A 58 -2.12 21.51 2.92
C SER A 58 -1.89 20.02 3.16
N PHE A 59 -2.02 19.57 4.41
CA PHE A 59 -1.96 18.13 4.69
C PHE A 59 -3.03 17.37 3.93
N ILE A 60 -4.26 17.88 3.94
CA ILE A 60 -5.33 17.24 3.18
C ILE A 60 -4.96 17.18 1.70
N ALA A 61 -4.44 18.28 1.15
CA ALA A 61 -4.06 18.30 -0.25
C ALA A 61 -2.99 17.26 -0.56
N LYS A 62 -1.98 17.16 0.29
CA LYS A 62 -0.88 16.24 0.05
C LYS A 62 -1.35 14.79 0.12
N THR A 63 -2.16 14.46 1.12
CA THR A 63 -2.62 13.07 1.23
C THR A 63 -3.57 12.72 0.09
N LEU A 64 -4.46 13.64 -0.28
CA LEU A 64 -5.33 13.41 -1.42
C LEU A 64 -4.52 13.19 -2.69
N GLY A 65 -3.48 13.98 -2.90
CA GLY A 65 -2.63 13.78 -4.07
C GLY A 65 -1.95 12.43 -4.06
N ALA A 66 -1.41 12.02 -2.91
CA ALA A 66 -0.75 10.73 -2.84
C ALA A 66 -1.71 9.59 -3.16
N ILE A 67 -2.90 9.61 -2.54
CA ILE A 67 -3.82 8.50 -2.76
C ILE A 67 -4.39 8.52 -4.17
N ILE A 68 -4.54 9.71 -4.75
CA ILE A 68 -5.15 9.78 -6.08
C ILE A 68 -4.12 9.49 -7.14
N MET A 69 -2.84 9.53 -6.79
CA MET A 69 -1.82 8.98 -7.69
C MET A 69 -1.74 7.47 -7.54
N LYS A 70 -1.96 6.97 -6.33
CA LYS A 70 -1.89 5.54 -6.09
C LYS A 70 -3.19 4.81 -6.41
N SER A 71 -4.20 5.54 -6.88
CA SER A 71 -5.45 4.89 -7.27
C SER A 71 -5.66 4.87 -8.79
N SER A 72 -4.87 5.64 -9.54
CA SER A 72 -5.06 5.74 -10.98
C SER A 72 -4.00 4.97 -11.77
N ILE A 73 -3.25 4.10 -11.13
CA ILE A 73 -2.18 3.37 -11.81
C ILE A 73 -2.74 2.48 -12.91
N ILE A 74 -3.74 1.67 -12.58
CA ILE A 74 -4.30 0.74 -13.57
C ILE A 74 -4.94 1.52 -14.72
N HIS A 75 -5.61 2.63 -14.42
CA HIS A 75 -6.29 3.38 -15.46
C HIS A 75 -5.29 3.95 -16.47
N ILE A 76 -4.30 4.69 -15.99
CA ILE A 76 -3.33 5.31 -16.89
C ILE A 76 -2.64 4.25 -17.72
N GLU A 77 -2.24 3.17 -17.09
CA GLU A 77 -1.56 2.09 -17.79
C GLU A 77 -2.37 1.58 -18.96
N ARG A 78 -3.69 1.51 -18.82
CA ARG A 78 -4.47 0.89 -19.90
C ARG A 78 -4.73 1.83 -21.03
N ARG A 79 -4.40 3.11 -20.84
CA ARG A 79 -4.60 4.09 -21.89
C ARG A 79 -3.33 4.74 -22.32
N PHE A 80 -2.22 4.02 -22.29
CA PHE A 80 -0.93 4.65 -22.58
C PHE A 80 0.10 3.71 -23.20
N GLU A 81 -0.29 2.47 -23.49
CA GLU A 81 0.68 1.51 -24.02
C GLU A 81 1.95 1.55 -23.20
N ILE A 82 1.81 1.53 -21.88
CA ILE A 82 2.97 1.57 -21.02
C ILE A 82 3.20 0.23 -20.33
N SER A 83 4.33 -0.41 -20.63
CA SER A 83 4.65 -1.69 -20.02
C SER A 83 4.68 -1.55 -18.50
N SER A 84 4.17 -2.54 -17.79
CA SER A 84 4.11 -2.46 -16.34
C SER A 84 5.45 -2.00 -15.75
N SER A 85 6.55 -2.43 -16.38
CA SER A 85 7.87 -2.02 -15.91
C SER A 85 8.01 -0.51 -15.90
N LEU A 86 7.56 0.16 -16.97
CA LEU A 86 7.59 1.61 -17.00
C LEU A 86 6.57 2.22 -16.05
N VAL A 87 5.47 1.52 -15.77
CA VAL A 87 4.51 2.04 -14.82
C VAL A 87 5.10 2.08 -13.42
N GLY A 88 5.91 1.08 -13.07
CA GLY A 88 6.64 1.15 -11.82
C GLY A 88 7.52 2.38 -11.73
N PHE A 89 8.19 2.73 -12.83
CA PHE A 89 9.05 3.91 -12.85
C PHE A 89 8.23 5.19 -12.73
N ILE A 90 7.08 5.24 -13.41
CA ILE A 90 6.19 6.40 -13.29
C ILE A 90 5.74 6.57 -11.85
N ASP A 91 5.46 5.47 -11.17
CA ASP A 91 5.05 5.56 -9.77
C ASP A 91 6.20 5.98 -8.87
N GLY A 92 7.41 5.49 -9.15
CA GLY A 92 8.57 5.86 -8.38
C GLY A 92 9.12 7.24 -8.68
N SER A 93 8.56 7.91 -9.69
CA SER A 93 8.92 9.30 -9.95
C SER A 93 8.72 10.16 -8.71
N PHE A 94 7.64 9.93 -7.97
CA PHE A 94 7.40 10.70 -6.74
C PHE A 94 8.56 10.55 -5.77
N GLU A 95 9.06 9.31 -5.62
CA GLU A 95 10.18 9.08 -4.72
C GLU A 95 11.46 9.72 -5.24
N ILE A 96 11.74 9.56 -6.53
CA ILE A 96 13.00 10.08 -7.07
C ILE A 96 12.97 11.60 -7.07
N GLY A 97 11.78 12.20 -6.97
CA GLY A 97 11.71 13.65 -6.83
C GLY A 97 11.81 14.10 -5.39
N ASN A 98 11.13 13.41 -4.48
CA ASN A 98 11.12 13.80 -3.08
C ASN A 98 12.45 13.57 -2.39
N LEU A 99 13.21 12.55 -2.80
CA LEU A 99 14.42 12.20 -2.07
C LEU A 99 15.52 13.23 -2.29
N LEU A 100 15.77 13.60 -3.53
CA LEU A 100 16.87 14.53 -3.84
C LEU A 100 16.66 15.91 -3.23
N VAL A 101 15.47 16.20 -2.69
CA VAL A 101 15.17 17.55 -2.24
C VAL A 101 14.78 17.60 -0.76
N ILE A 102 14.31 16.51 -0.16
CA ILE A 102 13.72 16.58 1.18
C ILE A 102 14.76 17.03 2.21
N VAL A 103 16.04 17.06 1.84
CA VAL A 103 17.04 17.61 2.75
C VAL A 103 17.45 19.02 2.32
N PHE A 104 17.79 19.18 1.04
CA PHE A 104 18.31 20.47 0.57
C PHE A 104 17.32 21.61 0.77
N VAL A 105 16.03 21.31 0.96
CA VAL A 105 15.03 22.32 1.25
C VAL A 105 14.65 22.33 2.71
N SER A 106 15.04 21.32 3.48
CA SER A 106 14.71 21.26 4.89
C SER A 106 15.72 21.99 5.77
N TYR A 107 16.89 22.31 5.21
CA TYR A 107 17.86 23.10 5.96
C TYR A 107 17.91 24.54 5.47
N PHE A 108 17.91 24.73 4.15
CA PHE A 108 17.96 26.08 3.60
C PHE A 108 16.66 26.84 3.84
N GLY A 109 15.56 26.13 4.10
CA GLY A 109 14.30 26.76 4.40
C GLY A 109 14.09 27.12 5.85
N SER A 110 14.90 26.58 6.76
CA SER A 110 14.76 26.86 8.18
C SER A 110 15.08 28.29 8.55
N LYS A 111 15.46 29.14 7.59
CA LYS A 111 15.88 30.50 7.88
C LYS A 111 15.15 31.55 7.05
N LEU A 112 14.40 31.15 6.02
CA LEU A 112 13.78 32.10 5.09
C LEU A 112 12.27 31.88 5.04
N HIS A 113 11.55 32.48 5.98
CA HIS A 113 10.10 32.67 5.90
C HIS A 113 9.38 31.36 5.58
N ARG A 114 9.42 30.43 6.54
CA ARG A 114 8.81 29.11 6.39
C ARG A 114 7.41 29.10 5.77
N PRO A 115 6.47 29.98 6.14
CA PRO A 115 5.14 29.92 5.52
C PRO A 115 5.16 30.11 4.01
N LYS A 116 5.96 31.06 3.52
CA LYS A 116 6.00 31.29 2.07
C LYS A 116 6.63 30.11 1.35
N LEU A 117 7.60 29.45 1.98
CA LEU A 117 8.15 28.22 1.39
C LEU A 117 7.10 27.12 1.32
N ILE A 118 6.31 26.96 2.38
CA ILE A 118 5.22 25.98 2.35
C ILE A 118 4.24 26.32 1.23
N GLY A 119 3.99 27.62 1.05
CA GLY A 119 3.06 28.03 0.00
C GLY A 119 3.59 27.73 -1.39
N ILE A 120 4.86 28.03 -1.63
CA ILE A 120 5.47 27.70 -2.92
C ILE A 120 5.47 26.19 -3.13
N GLY A 121 5.67 25.43 -2.06
CA GLY A 121 5.61 23.98 -2.18
C GLY A 121 4.25 23.47 -2.59
N CYS A 122 3.19 23.96 -1.93
CA CYS A 122 1.85 23.53 -2.31
C CYS A 122 1.48 24.00 -3.71
N PHE A 123 1.94 25.19 -4.10
CA PHE A 123 1.67 25.66 -5.46
C PHE A 123 2.37 24.80 -6.49
N ILE A 124 3.59 24.35 -6.18
CA ILE A 124 4.30 23.45 -7.09
C ILE A 124 3.59 22.11 -7.16
N MET A 125 3.08 21.62 -6.03
CA MET A 125 2.29 20.40 -6.04
C MET A 125 1.06 20.54 -6.94
N GLY A 126 0.39 21.69 -6.85
CA GLY A 126 -0.77 21.92 -7.70
C GLY A 126 -0.43 21.95 -9.17
N ILE A 127 0.63 22.69 -9.54
CA ILE A 127 1.05 22.72 -10.93
C ILE A 127 1.46 21.33 -11.40
N GLY A 128 2.02 20.52 -10.49
CA GLY A 128 2.37 19.16 -10.86
C GLY A 128 1.15 18.30 -11.15
N GLY A 129 0.13 18.41 -10.30
CA GLY A 129 -1.11 17.70 -10.58
C GLY A 129 -1.75 18.13 -11.89
N VAL A 130 -1.78 19.44 -12.14
CA VAL A 130 -2.39 19.92 -13.38
C VAL A 130 -1.60 19.45 -14.59
N LEU A 131 -0.26 19.47 -14.51
CA LEU A 131 0.55 18.99 -15.61
C LEU A 131 0.43 17.48 -15.78
N THR A 132 0.10 16.76 -14.69
CA THR A 132 -0.16 15.33 -14.81
C THR A 132 -1.45 15.07 -15.56
N ALA A 133 -2.50 15.85 -15.27
CA ALA A 133 -3.76 15.69 -15.98
C ALA A 133 -3.72 16.29 -17.38
N LEU A 134 -2.71 17.10 -17.69
CA LEU A 134 -2.64 17.78 -18.98
C LEU A 134 -2.75 16.85 -20.19
N PRO A 135 -2.01 15.74 -20.30
CA PRO A 135 -1.94 15.01 -21.57
C PRO A 135 -3.28 14.60 -22.17
N HIS A 136 -4.37 14.64 -21.41
CA HIS A 136 -5.64 14.16 -21.93
C HIS A 136 -6.20 15.09 -23.00
N PHE A 137 -5.87 16.39 -22.91
CA PHE A 137 -6.40 17.32 -23.90
C PHE A 137 -5.59 17.33 -25.19
N PHE A 138 -4.43 16.67 -25.21
CA PHE A 138 -3.56 16.73 -26.38
C PHE A 138 -3.70 15.52 -27.31
N MET A 139 -3.81 14.34 -26.72
CA MET A 139 -3.90 13.11 -27.51
C MET A 139 -5.25 12.88 -28.14
N GLY A 140 -5.34 11.91 -29.04
CA GLY A 140 -6.58 11.62 -29.72
C GLY A 140 -7.52 10.81 -28.85
N TYR A 141 -8.66 10.47 -29.44
CA TYR A 141 -9.65 9.66 -28.73
C TYR A 141 -9.09 8.28 -28.42
N TYR A 142 -9.75 7.62 -27.46
CA TYR A 142 -9.40 6.23 -27.12
C TYR A 142 -10.06 5.27 -28.10
N ARG A 143 -9.77 5.50 -29.38
CA ARG A 143 -10.37 4.69 -30.44
C ARG A 143 -9.89 3.26 -30.42
N TYR A 144 -8.75 3.01 -29.76
CA TYR A 144 -8.25 1.64 -29.63
C TYR A 144 -8.94 0.91 -28.49
N SER A 145 -10.10 1.41 -28.07
CA SER A 145 -10.92 0.89 -26.96
C SER A 145 -10.91 -0.64 -27.00
N LYS A 146 -11.20 -1.26 -28.14
CA LYS A 146 -11.15 -2.71 -28.24
C LYS A 146 -10.21 -3.15 -29.36
N SER A 158 -15.50 -18.26 -22.02
CA SER A 158 -14.63 -18.91 -22.99
C SER A 158 -13.55 -19.72 -22.30
N THR A 159 -12.83 -20.52 -23.09
CA THR A 159 -11.76 -21.39 -22.60
C THR A 159 -12.23 -22.23 -21.42
N LEU A 160 -13.28 -23.02 -21.65
CA LEU A 160 -13.79 -23.93 -20.63
C LEU A 160 -12.73 -24.95 -20.25
N SER A 161 -11.94 -25.41 -21.22
CA SER A 161 -10.80 -26.29 -21.00
C SER A 161 -11.21 -27.59 -20.31
N THR A 162 -12.10 -28.32 -20.98
CA THR A 162 -12.40 -29.70 -20.63
C THR A 162 -11.43 -30.63 -21.33
N CYS A 163 -11.11 -31.74 -20.68
CA CYS A 163 -10.13 -32.65 -21.25
C CYS A 163 -10.79 -33.55 -22.29
N LEU A 164 -10.00 -33.91 -23.30
CA LEU A 164 -10.50 -34.72 -24.40
C LEU A 164 -9.38 -35.67 -24.82
N ILE A 165 -9.69 -36.54 -25.78
CA ILE A 165 -8.85 -37.66 -26.18
C ILE A 165 -7.38 -37.25 -26.24
N SER A 175 5.73 -12.75 -28.87
CA SER A 175 6.64 -11.62 -29.01
C SER A 175 6.09 -10.39 -28.30
N PRO A 176 6.93 -9.36 -28.15
CA PRO A 176 6.46 -8.13 -27.51
C PRO A 176 5.51 -7.34 -28.39
N GLU A 177 4.26 -7.79 -28.48
CA GLU A 177 3.29 -7.11 -29.34
C GLU A 177 2.86 -5.79 -28.74
N ILE A 178 2.47 -5.79 -27.46
CA ILE A 178 2.06 -4.55 -26.80
C ILE A 178 3.23 -3.57 -26.72
N VAL A 179 4.38 -4.04 -26.24
CA VAL A 179 5.56 -3.19 -26.16
C VAL A 179 6.01 -2.78 -27.55
N GLY A 180 5.82 -3.66 -28.53
CA GLY A 180 6.21 -3.33 -29.89
C GLY A 180 5.40 -2.18 -30.47
N LYS A 181 4.08 -2.26 -30.30
CA LYS A 181 3.23 -1.17 -30.76
C LYS A 181 3.42 0.01 -29.84
N GLY A 182 3.57 -0.26 -28.55
CA GLY A 182 3.80 0.80 -27.59
C GLY A 182 5.09 1.52 -27.88
N CYS A 183 6.14 0.77 -28.20
CA CYS A 183 7.42 1.37 -28.53
C CYS A 183 7.27 2.24 -29.76
N LEU A 184 6.54 1.74 -30.75
CA LEU A 184 6.29 2.53 -31.94
C LEU A 184 5.56 3.79 -31.53
N LYS A 185 4.57 3.65 -30.65
CA LYS A 185 3.87 4.80 -30.15
C LYS A 185 4.83 5.65 -29.35
N GLU A 186 5.78 5.00 -28.69
CA GLU A 186 6.76 5.72 -27.88
C GLU A 186 8.04 5.94 -28.69
N SER A 187 7.91 5.99 -30.01
CA SER A 187 9.08 6.17 -30.86
C SER A 187 9.86 7.39 -30.42
N GLY A 188 9.15 8.49 -30.18
CA GLY A 188 9.80 9.69 -29.68
C GLY A 188 9.56 9.81 -28.19
N SER A 189 9.28 11.01 -27.72
CA SER A 189 8.97 11.19 -26.31
C SER A 189 7.51 10.87 -26.10
N TYR A 190 7.20 9.61 -25.78
CA TYR A 190 5.81 9.22 -25.63
C TYR A 190 5.11 10.11 -24.61
N MET A 191 3.81 10.26 -24.76
CA MET A 191 3.06 11.15 -23.88
C MET A 191 3.24 10.78 -22.40
N TRP A 192 3.59 9.54 -22.12
CA TRP A 192 3.71 9.11 -20.73
C TRP A 192 4.64 10.01 -19.94
N ILE A 193 5.70 10.50 -20.58
CA ILE A 193 6.68 11.29 -19.86
C ILE A 193 6.04 12.45 -19.12
N TYR A 194 4.96 12.99 -19.68
CA TYR A 194 4.27 14.09 -19.05
C TYR A 194 3.86 13.67 -17.65
N VAL A 195 3.24 12.50 -17.55
CA VAL A 195 2.77 12.03 -16.25
C VAL A 195 3.94 11.87 -15.31
N PHE A 196 5.03 11.28 -15.81
CA PHE A 196 6.19 11.06 -14.96
C PHE A 196 6.68 12.37 -14.39
N MET A 197 6.88 13.36 -15.25
CA MET A 197 7.38 14.65 -14.77
C MET A 197 6.33 15.28 -13.88
N GLY A 198 5.08 15.26 -14.33
CA GLY A 198 4.01 15.83 -13.56
C GLY A 198 3.97 15.20 -12.18
N ASN A 199 4.35 13.94 -12.08
CA ASN A 199 4.38 13.30 -10.78
C ASN A 199 5.62 13.74 -10.00
N MET A 200 6.76 13.87 -10.69
CA MET A 200 7.97 14.30 -10.01
C MET A 200 7.77 15.67 -9.37
N LEU A 201 7.02 16.55 -10.05
CA LEU A 201 6.78 17.86 -9.48
C LEU A 201 6.10 17.75 -8.13
N ARG A 202 5.13 16.83 -7.99
CA ARG A 202 4.50 16.61 -6.71
C ARG A 202 5.54 16.40 -5.63
N GLY A 203 6.54 15.54 -5.90
CA GLY A 203 7.65 15.40 -4.98
C GLY A 203 8.26 16.73 -4.61
N ILE A 204 8.77 17.46 -5.61
CA ILE A 204 9.44 18.73 -5.35
C ILE A 204 8.50 19.70 -4.63
N GLY A 205 7.19 19.44 -4.69
CA GLY A 205 6.25 20.33 -4.05
C GLY A 205 5.78 19.83 -2.70
N GLU A 206 5.80 18.52 -2.49
CA GLU A 206 5.31 17.98 -1.23
C GLU A 206 6.33 18.14 -0.11
N THR A 207 7.59 18.32 -0.46
CA THR A 207 8.65 18.22 0.56
C THR A 207 8.66 19.34 1.59
N PRO A 208 8.22 20.57 1.26
CA PRO A 208 8.26 21.55 2.34
C PRO A 208 6.95 21.62 3.12
N ILE A 209 6.43 20.49 3.58
CA ILE A 209 5.20 20.49 4.38
C ILE A 209 5.45 19.92 5.78
N VAL A 210 5.98 18.70 5.87
CA VAL A 210 6.28 18.12 7.17
C VAL A 210 7.53 18.76 7.77
N PRO A 211 8.69 18.76 7.08
CA PRO A 211 9.89 19.31 7.72
C PRO A 211 9.83 20.80 7.98
N LEU A 212 9.34 21.57 7.02
CA LEU A 212 9.34 23.02 7.11
C LEU A 212 8.10 23.56 7.83
N GLY A 213 7.04 22.76 7.91
CA GLY A 213 5.85 23.21 8.61
C GLY A 213 5.90 22.89 10.09
N LEU A 214 6.08 21.61 10.42
CA LEU A 214 6.00 21.18 11.82
C LEU A 214 6.98 21.95 12.70
N SER A 215 8.23 22.07 12.24
CA SER A 215 9.21 22.89 12.96
C SER A 215 8.59 24.21 13.40
N TYR A 216 8.02 24.96 12.46
CA TYR A 216 7.34 26.21 12.77
C TYR A 216 6.45 26.04 14.00
N ILE A 217 5.48 25.14 13.93
CA ILE A 217 4.59 24.89 15.06
C ILE A 217 5.41 24.62 16.31
N ASP A 218 6.30 23.65 16.29
CA ASP A 218 7.02 23.27 17.52
C ASP A 218 8.01 24.27 17.94
N ASP A 219 8.10 25.35 17.22
CA ASP A 219 9.00 26.41 17.64
C ASP A 219 8.27 27.71 17.97
N PHE A 220 6.98 27.79 17.66
CA PHE A 220 6.21 29.01 17.93
C PHE A 220 4.95 28.75 18.74
N ALA A 221 4.73 27.50 19.14
CA ALA A 221 3.53 27.16 19.89
C ALA A 221 3.70 27.45 21.38
N LYS A 222 2.82 26.87 22.20
CA LYS A 222 2.94 27.03 23.64
C LYS A 222 3.76 25.88 24.19
N GLU A 223 4.01 25.84 25.49
CA GLU A 223 4.87 24.81 26.06
C GLU A 223 4.35 23.39 25.90
N GLY A 224 3.06 23.18 26.15
CA GLY A 224 2.49 21.84 26.03
C GLY A 224 1.57 21.67 24.86
N HIS A 225 1.13 22.78 24.27
CA HIS A 225 0.18 22.71 23.16
C HIS A 225 0.74 22.02 21.93
N SER A 226 2.02 22.22 21.63
CA SER A 226 2.64 21.63 20.45
C SER A 226 2.13 20.26 20.02
N SER A 227 1.86 19.38 20.97
CA SER A 227 1.44 18.03 20.62
C SER A 227 0.01 17.94 20.13
N LEU A 228 -0.92 18.57 20.84
CA LEU A 228 -2.32 18.54 20.44
C LEU A 228 -2.47 19.02 19.00
N TYR A 229 -1.63 19.97 18.59
CA TYR A 229 -1.77 20.47 17.25
C TYR A 229 -1.36 19.31 16.36
N LEU A 230 -0.17 18.77 16.51
CA LEU A 230 0.28 17.72 15.61
C LEU A 230 -0.73 16.58 15.54
N GLY A 231 -1.37 16.27 16.67
CA GLY A 231 -2.44 15.28 16.64
C GLY A 231 -3.60 15.72 15.77
N ILE A 232 -4.04 16.96 15.93
CA ILE A 232 -5.15 17.47 15.11
C ILE A 232 -4.78 17.43 13.64
N LEU A 233 -3.53 17.78 13.30
CA LEU A 233 -3.12 17.77 11.90
C LEU A 233 -3.12 16.36 11.34
N ASN A 234 -2.49 15.41 12.04
CA ASN A 234 -2.44 14.05 11.54
C ASN A 234 -3.80 13.36 11.61
N ALA A 235 -4.77 13.94 12.31
CA ALA A 235 -6.11 13.36 12.33
C ALA A 235 -7.04 13.99 11.30
N ILE A 236 -6.75 15.23 10.89
CA ILE A 236 -7.51 15.83 9.81
C ILE A 236 -6.96 15.36 8.46
N ALA A 237 -5.68 15.02 8.41
CA ALA A 237 -5.12 14.48 7.18
C ALA A 237 -5.82 13.21 6.72
N MET A 238 -6.65 12.61 7.57
CA MET A 238 -7.45 11.46 7.14
C MET A 238 -8.63 11.84 6.27
N ILE A 239 -9.03 13.11 6.26
CA ILE A 239 -10.06 13.54 5.31
C ILE A 239 -9.52 13.45 3.90
N GLY A 240 -8.20 13.31 3.76
CA GLY A 240 -7.58 13.11 2.47
C GLY A 240 -8.01 11.82 1.82
N PRO A 241 -7.69 10.68 2.45
CA PRO A 241 -8.08 9.39 1.86
C PRO A 241 -9.58 9.23 1.67
N ILE A 242 -10.41 9.81 2.55
CA ILE A 242 -11.85 9.69 2.37
C ILE A 242 -12.29 10.39 1.08
N ILE A 243 -11.92 11.66 0.93
CA ILE A 243 -12.31 12.39 -0.26
C ILE A 243 -11.68 11.76 -1.50
N GLY A 244 -10.49 11.19 -1.35
CA GLY A 244 -9.84 10.55 -2.48
C GLY A 244 -10.58 9.30 -2.93
N PHE A 245 -10.91 8.42 -1.99
CA PHE A 245 -11.64 7.20 -2.34
C PHE A 245 -13.00 7.53 -2.93
N THR A 246 -13.75 8.44 -2.29
CA THR A 246 -15.08 8.74 -2.81
C THR A 246 -15.01 9.41 -4.17
N LEU A 247 -14.03 10.30 -4.38
CA LEU A 247 -13.96 11.03 -5.63
C LEU A 247 -13.44 10.13 -6.74
N GLY A 248 -12.58 9.18 -6.41
CA GLY A 248 -12.14 8.21 -7.40
C GLY A 248 -13.26 7.26 -7.80
N SER A 249 -13.90 6.62 -6.82
CA SER A 249 -14.98 5.69 -7.13
C SER A 249 -16.20 6.40 -7.71
N LEU A 250 -16.16 7.72 -7.73
CA LEU A 250 -17.24 8.47 -8.36
C LEU A 250 -16.76 8.89 -9.75
N PHE A 251 -15.44 9.01 -9.92
CA PHE A 251 -14.87 9.43 -11.20
C PHE A 251 -14.36 8.28 -12.05
N SER A 252 -13.95 7.17 -11.46
CA SER A 252 -13.47 5.99 -12.20
C SER A 252 -14.62 5.28 -12.89
N LYS A 253 -15.79 5.87 -12.85
CA LYS A 253 -16.99 5.42 -13.51
C LYS A 253 -17.34 6.28 -14.70
N MET A 254 -16.55 7.32 -14.94
CA MET A 254 -16.77 8.19 -16.07
C MET A 254 -15.69 7.91 -17.10
N TYR A 255 -16.11 7.62 -18.34
CA TYR A 255 -15.18 7.31 -19.44
C TYR A 255 -14.11 8.35 -19.64
N VAL A 256 -12.91 7.89 -20.00
CA VAL A 256 -11.78 8.78 -20.17
C VAL A 256 -12.10 10.05 -20.90
N ASP A 257 -12.75 9.95 -22.03
CA ASP A 257 -13.17 11.09 -22.84
C ASP A 257 -14.63 11.14 -22.40
N ILE A 258 -14.87 11.87 -21.32
CA ILE A 258 -16.24 12.11 -20.93
C ILE A 258 -16.45 13.54 -21.37
N GLY A 259 -17.59 13.85 -21.95
CA GLY A 259 -17.90 15.17 -22.47
C GLY A 259 -17.49 15.36 -23.91
N TYR A 260 -16.44 14.65 -24.34
CA TYR A 260 -16.00 14.76 -25.72
C TYR A 260 -16.76 13.79 -26.62
N VAL A 261 -16.85 12.53 -26.21
CA VAL A 261 -17.50 11.51 -27.00
C VAL A 261 -18.88 11.21 -26.39
N ASP A 262 -19.81 10.82 -27.25
CA ASP A 262 -21.16 10.47 -26.83
C ASP A 262 -21.09 9.11 -26.14
N LEU A 263 -21.37 9.08 -24.84
CA LEU A 263 -21.15 7.89 -24.03
C LEU A 263 -22.14 6.77 -24.31
N SER A 264 -23.00 6.94 -25.30
CA SER A 264 -23.94 5.88 -25.65
C SER A 264 -23.34 4.86 -26.60
N THR A 265 -22.19 5.16 -27.22
CA THR A 265 -21.58 4.27 -28.20
C THR A 265 -20.41 3.46 -27.65
N ILE A 266 -19.87 3.90 -26.52
CA ILE A 266 -18.76 3.20 -25.89
C ILE A 266 -19.15 1.81 -25.41
N ARG A 267 -18.77 0.78 -26.17
CA ARG A 267 -19.08 -0.59 -25.79
C ARG A 267 -18.42 -1.06 -24.49
N ILE A 268 -17.16 -0.69 -24.26
CA ILE A 268 -16.45 -1.17 -23.08
C ILE A 268 -17.12 -0.78 -21.76
N THR A 269 -17.02 -1.65 -20.76
CA THR A 269 -17.66 -1.37 -19.48
C THR A 269 -16.66 -1.61 -18.36
N PRO A 270 -16.97 -1.17 -17.13
CA PRO A 270 -16.04 -1.49 -16.06
C PRO A 270 -15.94 -3.00 -15.94
N THR A 271 -17.06 -3.69 -16.12
CA THR A 271 -17.05 -5.15 -16.10
C THR A 271 -16.17 -5.69 -17.22
N ASP A 272 -16.14 -5.03 -18.36
CA ASP A 272 -15.34 -5.51 -19.46
C ASP A 272 -13.94 -4.96 -19.35
N SER A 273 -13.05 -5.40 -20.24
CA SER A 273 -11.66 -4.98 -20.16
C SER A 273 -11.42 -3.73 -20.99
N ARG A 274 -10.25 -3.13 -20.82
CA ARG A 274 -9.87 -1.94 -21.59
C ARG A 274 -10.83 -0.77 -21.40
N TRP A 275 -11.40 -0.61 -20.21
CA TRP A 275 -12.29 0.51 -19.94
C TRP A 275 -11.47 1.64 -19.40
N VAL A 276 -11.70 2.88 -19.84
CA VAL A 276 -10.85 3.90 -19.23
C VAL A 276 -11.77 5.03 -18.78
N GLY A 277 -11.56 5.50 -17.55
CA GLY A 277 -12.41 6.54 -17.00
C GLY A 277 -11.81 7.92 -17.15
N ALA A 278 -12.50 8.93 -16.63
CA ALA A 278 -11.98 10.29 -16.70
C ALA A 278 -10.87 10.48 -15.67
N TRP A 279 -9.65 10.10 -16.02
CA TRP A 279 -8.50 10.22 -15.13
C TRP A 279 -7.94 11.63 -15.08
N TRP A 280 -8.12 12.41 -16.15
CA TRP A 280 -7.60 13.76 -16.19
C TRP A 280 -8.34 14.68 -15.23
N LEU A 281 -9.53 14.29 -14.80
CA LEU A 281 -10.34 15.15 -13.95
C LEU A 281 -9.92 15.04 -12.49
N ASN A 282 -9.27 13.93 -12.16
CA ASN A 282 -8.90 13.67 -10.78
C ASN A 282 -7.62 14.37 -10.46
N PHE A 283 -6.64 14.24 -11.33
CA PHE A 283 -5.40 14.94 -11.14
C PHE A 283 -5.69 16.43 -11.21
N LEU A 284 -6.62 16.82 -12.08
CA LEU A 284 -7.01 18.22 -12.13
C LEU A 284 -7.62 18.65 -10.80
N VAL A 285 -8.47 17.81 -10.21
CA VAL A 285 -9.01 18.17 -8.89
C VAL A 285 -7.88 18.29 -7.88
N SER A 286 -7.03 17.27 -7.79
CA SER A 286 -5.89 17.37 -6.87
C SER A 286 -5.12 18.65 -7.11
N GLY A 287 -4.92 19.03 -8.38
CA GLY A 287 -4.21 20.25 -8.67
C GLY A 287 -4.93 21.49 -8.20
N LEU A 288 -6.22 21.60 -8.51
CA LEU A 288 -6.99 22.75 -8.05
C LEU A 288 -7.06 22.80 -6.53
N PHE A 289 -7.14 21.64 -5.88
CA PHE A 289 -7.21 21.64 -4.42
C PHE A 289 -5.89 22.08 -3.81
N SER A 290 -4.77 21.61 -4.37
CA SER A 290 -3.47 22.05 -3.87
C SER A 290 -3.27 23.55 -4.11
N ILE A 291 -3.73 24.06 -5.24
CA ILE A 291 -3.59 25.50 -5.50
C ILE A 291 -4.44 26.31 -4.53
N ILE A 292 -5.67 25.86 -4.28
CA ILE A 292 -6.54 26.57 -3.35
C ILE A 292 -6.01 26.47 -1.94
N SER A 293 -5.26 25.41 -1.64
CA SER A 293 -4.62 25.30 -0.33
C SER A 293 -3.35 26.13 -0.25
N SER A 294 -2.73 26.43 -1.40
CA SER A 294 -1.53 27.25 -1.39
C SER A 294 -1.86 28.73 -1.40
N ILE A 295 -3.06 29.10 -1.82
CA ILE A 295 -3.44 30.51 -1.81
C ILE A 295 -3.37 31.15 -0.42
N PRO A 296 -3.84 30.51 0.66
CA PRO A 296 -3.79 31.17 1.97
C PRO A 296 -2.40 31.37 2.53
N PHE A 297 -1.44 30.50 2.23
CA PHE A 297 -0.12 30.56 2.84
C PHE A 297 0.63 31.85 2.54
N PHE A 298 0.28 32.57 1.49
CA PHE A 298 1.03 33.74 1.07
C PHE A 298 0.61 35.01 1.81
N PHE A 299 -0.04 34.87 2.97
CA PHE A 299 -0.51 36.02 3.72
C PHE A 299 -0.08 36.02 5.18
N LEU A 300 0.36 34.88 5.72
CA LEU A 300 0.79 34.80 7.10
C LEU A 300 2.17 35.44 7.28
N PRO A 301 2.48 35.97 8.45
CA PRO A 301 3.78 36.62 8.66
C PRO A 301 4.87 35.62 9.01
N GLN A 302 6.10 36.14 9.06
CA GLN A 302 7.25 35.29 9.38
C GLN A 302 7.14 34.73 10.80
N THR A 303 7.11 35.61 11.79
CA THR A 303 6.98 35.22 13.19
C THR A 303 5.67 35.75 13.74
N PRO A 304 4.75 34.89 14.16
CA PRO A 304 3.40 35.36 14.53
C PRO A 304 3.37 36.13 15.84
N ASN A 305 4.09 37.24 15.90
CA ASN A 305 4.12 38.10 17.08
C ASN A 305 4.32 39.56 16.68
N VAL A 343 28.01 25.88 1.31
CA VAL A 343 28.09 27.13 2.06
C VAL A 343 28.92 26.86 3.33
N THR A 344 29.34 25.60 3.48
CA THR A 344 30.23 25.14 4.55
C THR A 344 29.54 25.32 5.91
N GLY A 345 28.25 25.64 5.89
CA GLY A 345 27.42 25.52 7.09
C GLY A 345 26.52 24.31 7.03
N PHE A 346 26.12 23.91 5.83
CA PHE A 346 25.27 22.74 5.67
C PHE A 346 25.96 21.48 6.18
N PHE A 347 27.20 21.25 5.74
CA PHE A 347 27.92 20.07 6.19
C PHE A 347 28.22 20.14 7.68
N GLN A 348 28.47 21.35 8.19
CA GLN A 348 28.71 21.52 9.62
C GLN A 348 27.49 21.07 10.43
N SER A 349 26.31 21.62 10.10
CA SER A 349 25.11 21.24 10.82
C SER A 349 24.77 19.77 10.62
N PHE A 350 25.02 19.24 9.43
CA PHE A 350 24.67 17.85 9.15
C PHE A 350 25.58 16.90 9.94
N LYS A 351 26.85 17.24 10.06
CA LYS A 351 27.74 16.46 10.91
C LYS A 351 27.35 16.58 12.38
N SER A 352 26.95 17.78 12.81
CA SER A 352 26.57 17.96 14.20
C SER A 352 25.21 17.35 14.52
N ILE A 353 24.44 16.93 13.52
CA ILE A 353 23.18 16.25 13.73
C ILE A 353 23.30 14.74 13.54
N LEU A 354 24.31 14.28 12.78
CA LEU A 354 24.54 12.85 12.68
C LEU A 354 25.43 12.35 13.81
N THR A 355 26.31 13.22 14.32
CA THR A 355 27.18 12.82 15.42
C THR A 355 26.36 12.59 16.69
N ASN A 356 25.16 13.17 16.77
CA ASN A 356 24.28 13.04 17.91
C ASN A 356 23.84 11.59 18.07
N PRO A 357 24.33 10.88 19.08
CA PRO A 357 24.02 9.44 19.17
C PRO A 357 22.54 9.14 19.30
N LEU A 358 21.85 9.85 20.22
CA LEU A 358 20.43 9.61 20.41
C LEU A 358 19.65 9.76 19.12
N TYR A 359 19.99 10.76 18.30
CA TYR A 359 19.21 11.00 17.10
C TYR A 359 19.38 9.88 16.08
N VAL A 360 20.62 9.43 15.85
CA VAL A 360 20.83 8.38 14.87
C VAL A 360 20.25 7.06 15.37
N MET A 361 20.30 6.84 16.69
CA MET A 361 19.69 5.63 17.25
C MET A 361 18.18 5.65 17.04
N PHE A 362 17.56 6.79 17.29
CA PHE A 362 16.12 6.89 17.08
C PHE A 362 15.76 6.76 15.60
N VAL A 363 16.62 7.27 14.71
CA VAL A 363 16.35 7.14 13.29
C VAL A 363 16.39 5.69 12.87
N LEU A 364 17.41 4.95 13.31
CA LEU A 364 17.48 3.52 13.00
C LEU A 364 16.27 2.78 13.57
N LEU A 365 15.87 3.13 14.79
CA LEU A 365 14.73 2.47 15.41
C LEU A 365 13.45 2.71 14.61
N THR A 366 13.17 3.97 14.29
CA THR A 366 11.95 4.28 13.55
C THR A 366 12.01 3.69 12.15
N LEU A 367 13.20 3.59 11.57
CA LEU A 367 13.33 2.92 10.28
C LEU A 367 12.89 1.47 10.38
N LEU A 368 13.41 0.74 11.37
CA LEU A 368 13.02 -0.65 11.55
C LEU A 368 11.50 -0.78 11.74
N GLN A 369 10.95 -0.01 12.68
CA GLN A 369 9.54 -0.16 13.02
C GLN A 369 8.62 0.23 11.86
N VAL A 370 8.90 1.36 11.22
CA VAL A 370 8.05 1.83 10.14
C VAL A 370 8.20 0.95 8.91
N SER A 371 9.38 0.37 8.68
CA SER A 371 9.52 -0.62 7.62
C SER A 371 8.64 -1.83 7.89
N SER A 372 8.67 -2.33 9.14
CA SER A 372 7.78 -3.43 9.49
C SER A 372 6.31 -3.08 9.24
N TYR A 373 5.79 -2.02 9.78
CA TYR A 373 4.41 -1.61 9.49
C TYR A 373 4.16 -1.50 8.03
N ILE A 374 4.94 -0.74 7.30
CA ILE A 374 4.62 -0.50 5.89
C ILE A 374 4.55 -1.82 5.13
N GLY A 375 5.51 -2.71 5.36
CA GLY A 375 5.46 -3.99 4.69
C GLY A 375 4.27 -4.83 5.10
N ALA A 376 3.99 -4.86 6.41
CA ALA A 376 2.83 -5.59 6.90
C ALA A 376 1.55 -5.09 6.27
N PHE A 377 1.35 -3.78 6.19
CA PHE A 377 0.13 -3.27 5.58
C PHE A 377 0.16 -3.29 4.07
N THR A 378 1.32 -3.50 3.46
CA THR A 378 1.35 -3.67 2.02
C THR A 378 0.91 -5.07 1.62
N TYR A 379 1.28 -6.08 2.41
CA TYR A 379 0.93 -7.46 2.07
C TYR A 379 -0.16 -8.07 2.94
N VAL A 380 -0.78 -7.30 3.83
CA VAL A 380 -1.82 -7.88 4.70
C VAL A 380 -3.01 -8.37 3.90
N PHE A 381 -3.29 -7.73 2.75
CA PHE A 381 -4.43 -8.16 1.96
C PHE A 381 -4.15 -9.50 1.30
N LYS A 382 -2.94 -9.66 0.75
CA LYS A 382 -2.56 -10.95 0.19
C LYS A 382 -2.53 -12.03 1.28
N TYR A 383 -2.13 -11.65 2.49
CA TYR A 383 -2.14 -12.62 3.59
C TYR A 383 -3.57 -13.05 3.93
N VAL A 384 -4.47 -12.08 4.07
CA VAL A 384 -5.87 -12.40 4.37
C VAL A 384 -6.47 -13.28 3.28
N GLU A 385 -6.08 -13.03 2.03
CA GLU A 385 -6.63 -13.83 0.94
C GLU A 385 -6.06 -15.24 0.94
N GLN A 386 -4.77 -15.38 1.23
CA GLN A 386 -4.12 -16.68 1.05
C GLN A 386 -4.33 -17.60 2.25
N GLN A 387 -4.48 -17.02 3.45
CA GLN A 387 -4.55 -17.86 4.64
C GLN A 387 -5.98 -18.26 4.96
N TYR A 388 -6.86 -17.29 5.18
CA TYR A 388 -8.25 -17.58 5.54
C TYR A 388 -9.10 -17.88 4.31
N GLY A 389 -9.09 -16.97 3.34
CA GLY A 389 -9.90 -17.15 2.15
C GLY A 389 -11.00 -16.12 2.08
N GLN A 390 -10.69 -14.91 2.51
CA GLN A 390 -11.69 -13.84 2.50
C GLN A 390 -11.14 -12.63 1.78
N PRO A 391 -11.16 -12.66 0.43
CA PRO A 391 -10.55 -11.54 -0.27
C PRO A 391 -11.18 -10.20 0.09
N SER A 392 -12.49 -10.07 -0.10
CA SER A 392 -13.15 -8.79 0.18
C SER A 392 -14.41 -8.95 1.03
N SER A 393 -14.59 -10.10 1.66
CA SER A 393 -15.74 -10.31 2.52
C SER A 393 -15.76 -9.26 3.61
N LYS A 394 -14.62 -9.04 4.26
CA LYS A 394 -14.53 -8.01 5.28
C LYS A 394 -13.35 -7.09 5.00
N ALA A 395 -12.59 -7.39 3.95
CA ALA A 395 -11.46 -6.55 3.58
C ALA A 395 -11.91 -5.50 2.58
N ASN A 396 -13.22 -5.41 2.35
CA ASN A 396 -13.75 -4.44 1.40
C ASN A 396 -13.85 -3.06 2.01
N ILE A 397 -14.37 -2.11 1.23
CA ILE A 397 -14.50 -0.74 1.71
C ILE A 397 -15.03 -0.61 3.13
N LEU A 398 -15.86 -1.56 3.55
CA LEU A 398 -16.32 -1.60 4.93
C LEU A 398 -15.16 -1.39 5.88
N LEU A 399 -14.11 -2.18 5.70
CA LEU A 399 -12.96 -2.09 6.58
C LEU A 399 -12.37 -0.69 6.57
N GLY A 400 -12.42 -0.02 5.41
CA GLY A 400 -11.92 1.34 5.34
C GLY A 400 -12.76 2.31 6.14
N VAL A 401 -14.08 2.22 6.00
CA VAL A 401 -14.98 3.15 6.67
C VAL A 401 -14.99 2.87 8.18
N ILE A 402 -14.58 1.66 8.58
CA ILE A 402 -14.52 1.36 10.01
C ILE A 402 -13.10 1.61 10.54
N THR A 403 -12.14 1.78 9.64
CA THR A 403 -10.75 1.95 10.05
C THR A 403 -10.38 3.41 10.19
N ILE A 404 -10.79 4.23 9.22
CA ILE A 404 -10.40 5.65 9.19
C ILE A 404 -10.75 6.36 10.50
N PRO A 405 -11.98 6.24 11.03
CA PRO A 405 -12.27 6.91 12.31
C PRO A 405 -11.42 6.40 13.45
N ILE A 406 -11.10 5.11 13.44
CA ILE A 406 -10.24 4.51 14.46
C ILE A 406 -8.83 5.10 14.38
N PHE A 407 -8.28 5.18 13.17
CA PHE A 407 -6.92 5.70 13.02
C PHE A 407 -6.85 7.18 13.40
N ALA A 408 -7.86 7.96 13.00
CA ALA A 408 -7.87 9.37 13.34
C ALA A 408 -7.96 9.56 14.84
N SER A 409 -8.87 8.79 15.48
CA SER A 409 -9.01 8.86 16.93
C SER A 409 -7.71 8.44 17.60
N GLY A 410 -7.00 7.48 17.01
CA GLY A 410 -5.72 7.07 17.58
C GLY A 410 -4.71 8.20 17.56
N MET A 411 -4.53 8.84 16.41
CA MET A 411 -3.59 9.95 16.32
C MET A 411 -3.96 11.06 17.28
N PHE A 412 -5.24 11.45 17.31
CA PHE A 412 -5.65 12.56 18.15
C PHE A 412 -5.51 12.23 19.63
N LEU A 413 -5.83 10.99 20.02
CA LEU A 413 -5.67 10.61 21.42
C LEU A 413 -4.21 10.53 21.81
N GLY A 414 -3.35 10.12 20.87
CA GLY A 414 -1.92 10.16 21.14
C GLY A 414 -1.45 11.57 21.44
N GLY A 415 -1.80 12.52 20.58
CA GLY A 415 -1.46 13.90 20.84
C GLY A 415 -2.02 14.40 22.16
N TYR A 416 -3.29 14.11 22.43
CA TYR A 416 -3.94 14.62 23.63
C TYR A 416 -3.32 14.04 24.89
N ILE A 417 -2.94 12.75 24.85
CA ILE A 417 -2.34 12.13 26.02
C ILE A 417 -0.92 12.65 26.23
N ILE A 418 -0.21 12.95 25.15
CA ILE A 418 1.10 13.56 25.31
C ILE A 418 0.98 14.96 25.92
N LYS A 419 -0.11 15.64 25.61
CA LYS A 419 -0.32 16.98 26.17
C LYS A 419 -0.90 16.94 27.57
N LYS A 420 -2.15 16.50 27.70
CA LYS A 420 -2.81 16.51 29.01
C LYS A 420 -1.92 15.94 30.09
N PHE A 421 -1.40 14.75 29.87
CA PHE A 421 -0.49 14.16 30.84
C PHE A 421 0.89 14.71 30.56
N LYS A 422 1.31 15.72 31.33
CA LYS A 422 2.60 16.33 31.08
C LYS A 422 3.69 15.28 31.00
N LEU A 423 4.43 15.27 29.90
CA LEU A 423 5.49 14.28 29.72
C LEU A 423 6.78 14.92 29.27
N ASN A 424 7.88 14.60 29.94
CA ASN A 424 9.19 15.11 29.52
C ASN A 424 9.71 14.22 28.42
N THR A 425 10.90 14.51 27.91
CA THR A 425 11.39 13.74 26.77
C THR A 425 11.39 12.25 27.10
N VAL A 426 11.96 11.89 28.25
CA VAL A 426 11.89 10.51 28.74
C VAL A 426 10.45 10.02 28.75
N GLY A 427 9.51 10.90 29.07
CA GLY A 427 8.12 10.51 29.07
C GLY A 427 7.60 10.10 27.71
N ILE A 428 7.90 10.91 26.68
CA ILE A 428 7.48 10.57 25.33
C ILE A 428 8.14 9.28 24.88
N ALA A 429 9.40 9.09 25.25
CA ALA A 429 10.09 7.85 24.89
C ALA A 429 9.41 6.65 25.53
N LYS A 430 9.07 6.75 26.81
CA LYS A 430 8.41 5.64 27.49
C LYS A 430 7.03 5.38 26.90
N PHE A 431 6.31 6.43 26.52
CA PHE A 431 4.99 6.25 25.93
C PHE A 431 5.09 5.54 24.59
N SER A 432 6.06 5.94 23.77
CA SER A 432 6.24 5.27 22.48
C SER A 432 6.67 3.82 22.67
N CYS A 433 7.51 3.57 23.69
CA CYS A 433 7.93 2.19 23.96
C CYS A 433 6.76 1.34 24.41
N PHE A 434 5.85 1.91 25.20
CA PHE A 434 4.65 1.19 25.60
C PHE A 434 3.76 0.88 24.40
N THR A 435 3.61 1.85 23.49
CA THR A 435 2.93 1.58 22.23
C THR A 435 3.56 0.41 21.48
N ALA A 436 4.89 0.42 21.37
CA ALA A 436 5.57 -0.67 20.66
C ALA A 436 5.37 -2.00 21.36
N VAL A 437 5.35 -2.00 22.69
CA VAL A 437 5.14 -3.25 23.43
C VAL A 437 3.75 -3.80 23.14
N MET A 438 2.73 -2.94 23.17
CA MET A 438 1.39 -3.44 22.87
C MET A 438 1.28 -3.97 21.46
N SER A 439 1.85 -3.25 20.49
CA SER A 439 1.77 -3.72 19.10
C SER A 439 2.50 -5.04 18.91
N LEU A 440 3.70 -5.18 19.49
CA LEU A 440 4.43 -6.43 19.38
C LEU A 440 3.72 -7.57 20.09
N SER A 441 3.04 -7.29 21.21
CA SER A 441 2.24 -8.33 21.85
C SER A 441 1.11 -8.79 20.95
N PHE A 442 0.47 -7.87 20.23
CA PHE A 442 -0.58 -8.29 19.31
C PHE A 442 0.04 -9.17 18.22
N TYR A 443 1.14 -8.74 17.61
CA TYR A 443 1.77 -9.60 16.62
C TYR A 443 2.05 -10.99 17.19
N LEU A 444 2.76 -11.08 18.31
CA LEU A 444 3.04 -12.39 18.90
C LEU A 444 1.76 -13.12 19.29
N LEU A 445 0.61 -12.43 19.30
CA LEU A 445 -0.66 -13.13 19.41
C LEU A 445 -1.10 -13.72 18.08
N TYR A 446 -0.84 -13.03 16.97
CA TYR A 446 -1.30 -13.52 15.66
C TYR A 446 -0.94 -14.96 15.38
N PHE A 447 0.21 -15.40 15.87
CA PHE A 447 0.67 -16.75 15.52
C PHE A 447 -0.27 -17.84 16.02
N PHE A 448 -1.24 -17.50 16.86
CA PHE A 448 -2.14 -18.53 17.38
C PHE A 448 -3.42 -18.60 16.55
N ILE A 449 -3.63 -17.64 15.66
CA ILE A 449 -4.76 -17.68 14.74
C ILE A 449 -4.27 -18.16 13.37
N LEU A 450 -4.29 -19.48 13.14
CA LEU A 450 -3.88 -20.05 11.88
C LEU A 450 -4.78 -21.22 11.53
N CYS A 451 -4.90 -21.49 10.24
CA CYS A 451 -5.73 -22.57 9.74
C CYS A 451 -4.84 -23.57 9.00
N GLU A 452 -5.47 -24.58 8.42
CA GLU A 452 -4.77 -25.63 7.70
C GLU A 452 -4.39 -25.14 6.30
N ASN A 453 -3.56 -25.93 5.62
CA ASN A 453 -3.09 -25.53 4.30
C ASN A 453 -4.17 -25.79 3.25
N LYS A 454 -4.13 -24.99 2.19
CA LYS A 454 -4.98 -25.25 1.04
C LYS A 454 -4.59 -26.57 0.38
N SER A 455 -5.40 -27.60 0.63
CA SER A 455 -5.11 -28.93 0.10
C SER A 455 -5.61 -29.00 -1.33
N VAL A 456 -4.70 -28.80 -2.29
CA VAL A 456 -5.04 -28.80 -3.71
C VAL A 456 -4.31 -29.96 -4.38
N ALA A 457 -5.00 -30.66 -5.28
CA ALA A 457 -4.40 -31.78 -5.97
C ALA A 457 -3.30 -31.30 -6.90
N GLY A 458 -2.21 -32.08 -6.97
CA GLY A 458 -1.11 -31.76 -7.86
C GLY A 458 -0.05 -30.84 -7.28
N LEU A 459 -0.34 -30.14 -6.19
CA LEU A 459 0.65 -29.24 -5.59
C LEU A 459 1.09 -29.76 -4.24
N THR A 460 0.15 -30.32 -3.47
CA THR A 460 0.47 -30.94 -2.20
C THR A 460 0.23 -32.44 -2.18
N MET A 461 -0.69 -32.94 -3.00
CA MET A 461 -0.95 -34.37 -3.10
C MET A 461 -0.98 -34.77 -4.56
N THR A 462 -0.98 -36.08 -4.80
CA THR A 462 -1.24 -36.61 -6.13
C THR A 462 -2.67 -36.28 -6.52
N TYR A 463 -2.88 -36.09 -7.84
CA TYR A 463 -4.19 -35.73 -8.36
C TYR A 463 -5.30 -36.63 -7.84
N ASP A 464 -4.99 -37.90 -7.54
CA ASP A 464 -5.97 -38.81 -6.98
C ASP A 464 -6.37 -38.43 -5.56
N GLY A 465 -5.58 -37.62 -4.87
CA GLY A 465 -5.91 -37.23 -3.51
C GLY A 465 -5.60 -38.27 -2.45
N ASN A 466 -4.71 -39.22 -2.74
CA ASN A 466 -4.45 -40.28 -1.78
C ASN A 466 -3.15 -40.03 -1.01
N ASN A 467 -2.04 -39.85 -1.72
CA ASN A 467 -0.74 -39.71 -1.08
C ASN A 467 -0.21 -38.29 -1.26
N PRO A 468 0.18 -37.63 -0.17
CA PRO A 468 0.76 -36.28 -0.30
C PRO A 468 2.14 -36.33 -0.94
N VAL A 469 2.39 -35.35 -1.80
CA VAL A 469 3.66 -35.25 -2.52
C VAL A 469 4.50 -34.18 -1.85
N THR A 470 5.82 -34.42 -1.77
CA THR A 470 6.70 -33.48 -1.09
C THR A 470 6.96 -32.22 -1.91
N SER A 471 7.47 -32.37 -3.14
CA SER A 471 7.79 -31.25 -3.99
C SER A 471 6.78 -31.17 -5.12
N HIS A 472 6.17 -30.00 -5.29
CA HIS A 472 5.18 -29.80 -6.33
C HIS A 472 5.76 -29.92 -7.73
N ARG A 473 7.08 -29.81 -7.89
CA ARG A 473 7.70 -29.93 -9.20
C ARG A 473 7.66 -31.38 -9.67
N ASP A 474 7.28 -31.57 -10.93
CA ASP A 474 7.30 -32.89 -11.58
C ASP A 474 6.40 -33.89 -10.85
N VAL A 475 5.15 -33.49 -10.61
CA VAL A 475 4.16 -34.40 -10.06
C VAL A 475 3.58 -35.22 -11.20
N PRO A 476 3.65 -36.54 -11.14
CA PRO A 476 3.17 -37.36 -12.27
C PRO A 476 1.66 -37.37 -12.34
N LEU A 477 1.15 -37.43 -13.58
CA LEU A 477 -0.29 -37.48 -13.78
C LEU A 477 -0.83 -38.84 -13.32
N SER A 478 -2.09 -38.86 -12.93
CA SER A 478 -2.73 -40.07 -12.43
C SER A 478 -3.55 -40.73 -13.53
N TYR A 479 -4.26 -41.80 -13.15
CA TYR A 479 -5.11 -42.51 -14.10
C TYR A 479 -6.32 -41.68 -14.50
N CYS A 480 -6.58 -40.58 -13.80
CA CYS A 480 -7.61 -39.63 -14.19
C CYS A 480 -7.46 -39.14 -15.62
N ASN A 481 -6.28 -38.61 -15.96
CA ASN A 481 -6.15 -37.71 -17.09
C ASN A 481 -5.03 -38.05 -18.06
N SER A 482 -4.17 -39.02 -17.76
CA SER A 482 -3.07 -39.31 -18.67
C SER A 482 -3.55 -39.36 -20.11
N ASP A 483 -4.82 -39.69 -20.32
CA ASP A 483 -5.45 -39.62 -21.63
C ASP A 483 -5.96 -38.22 -21.97
N CYS A 484 -6.21 -37.41 -20.95
CA CYS A 484 -6.70 -36.07 -21.15
C CYS A 484 -5.53 -35.12 -21.37
N ASN A 485 -5.48 -34.50 -22.53
CA ASN A 485 -4.41 -33.54 -22.80
C ASN A 485 -4.67 -32.28 -22.01
N CYS A 486 -4.01 -32.14 -20.87
CA CYS A 486 -4.27 -30.98 -20.01
C CYS A 486 -3.05 -30.08 -19.86
N ASP A 487 -3.23 -28.80 -20.16
CA ASP A 487 -2.15 -27.83 -20.06
C ASP A 487 -1.85 -27.59 -18.58
N GLU A 488 -0.72 -28.12 -18.13
CA GLU A 488 -0.41 -28.09 -16.70
C GLU A 488 -0.16 -26.68 -16.17
N SER A 489 0.02 -25.70 -17.04
CA SER A 489 0.27 -24.34 -16.59
C SER A 489 -1.00 -23.54 -16.34
N GLN A 490 -2.12 -23.97 -16.93
CA GLN A 490 -3.37 -23.28 -16.75
C GLN A 490 -3.81 -23.29 -15.30
N TRP A 491 -4.30 -22.17 -14.80
CA TRP A 491 -4.80 -22.11 -13.42
C TRP A 491 -6.27 -21.74 -13.37
N GLU A 492 -7.13 -22.73 -13.18
CA GLU A 492 -8.56 -22.47 -13.07
C GLU A 492 -9.11 -23.20 -11.86
N PRO A 493 -8.98 -22.61 -10.67
CA PRO A 493 -9.40 -23.31 -9.46
C PRO A 493 -10.85 -23.75 -9.49
N VAL A 494 -11.11 -25.01 -9.14
CA VAL A 494 -12.47 -25.51 -9.09
C VAL A 494 -12.61 -26.38 -7.85
N CYS A 495 -13.80 -26.41 -7.27
CA CYS A 495 -13.97 -27.15 -6.02
C CYS A 495 -15.05 -28.20 -6.19
N GLY A 496 -14.73 -29.44 -5.85
CA GLY A 496 -15.72 -30.50 -5.91
C GLY A 496 -16.37 -30.73 -4.56
N ASN A 497 -17.30 -31.69 -4.53
CA ASN A 497 -18.01 -32.04 -3.31
C ASN A 497 -17.08 -32.54 -2.21
N ASN A 498 -15.95 -33.15 -2.57
CA ASN A 498 -15.02 -33.67 -1.58
C ASN A 498 -14.26 -32.59 -0.84
N GLY A 499 -14.45 -31.31 -1.20
CA GLY A 499 -13.74 -30.23 -0.54
C GLY A 499 -12.32 -30.05 -0.97
N ILE A 500 -11.85 -30.79 -1.97
CA ILE A 500 -10.48 -30.67 -2.48
C ILE A 500 -10.48 -29.72 -3.66
N THR A 501 -9.56 -28.77 -3.65
CA THR A 501 -9.42 -27.80 -4.73
C THR A 501 -8.55 -28.39 -5.83
N TYR A 502 -8.92 -28.12 -7.08
CA TYR A 502 -8.21 -28.65 -8.23
C TYR A 502 -7.61 -27.51 -9.05
N ILE A 503 -6.60 -27.84 -9.85
CA ILE A 503 -5.87 -26.81 -10.61
C ILE A 503 -6.72 -26.31 -11.76
N SER A 504 -7.23 -27.21 -12.59
CA SER A 504 -7.96 -26.84 -13.79
C SER A 504 -9.10 -27.83 -13.99
N PRO A 505 -10.24 -27.38 -14.53
CA PRO A 505 -11.31 -28.33 -14.85
C PRO A 505 -10.86 -29.46 -15.76
N CYS A 506 -9.84 -29.18 -16.58
CA CYS A 506 -9.27 -30.24 -17.41
C CYS A 506 -8.67 -31.26 -16.48
N LEU A 507 -7.83 -30.79 -15.56
CA LEU A 507 -7.19 -31.69 -14.61
C LEU A 507 -8.20 -32.32 -13.66
N ALA A 508 -9.36 -31.69 -13.53
CA ALA A 508 -10.39 -32.21 -12.64
C ALA A 508 -10.88 -33.58 -13.10
N GLY A 509 -10.56 -33.94 -14.34
CA GLY A 509 -11.02 -35.20 -14.88
C GLY A 509 -12.40 -35.04 -15.48
N CYS A 510 -12.75 -33.80 -15.81
CA CYS A 510 -14.07 -33.53 -16.39
C CYS A 510 -14.02 -33.33 -17.89
N LYS A 511 -15.13 -33.64 -18.57
CA LYS A 511 -15.19 -33.46 -20.01
C LYS A 511 -16.39 -32.61 -20.40
N SER A 512 -17.08 -32.06 -19.42
CA SER A 512 -18.27 -31.25 -19.72
C SER A 512 -18.48 -30.11 -18.73
N SER A 513 -19.20 -29.09 -19.18
CA SER A 513 -19.48 -27.93 -18.35
C SER A 513 -20.75 -27.30 -18.86
N SER A 514 -21.40 -26.48 -18.05
CA SER A 514 -22.58 -25.77 -18.51
C SER A 514 -22.25 -24.80 -19.64
N GLY A 515 -21.07 -24.18 -19.57
CA GLY A 515 -20.67 -23.28 -20.63
C GLY A 515 -21.51 -22.03 -20.69
N ASN A 516 -22.21 -21.82 -21.79
CA ASN A 516 -23.00 -20.60 -21.97
C ASN A 516 -24.05 -20.46 -20.87
N LYS A 517 -24.60 -21.57 -20.41
CA LYS A 517 -25.58 -21.53 -19.33
C LYS A 517 -24.97 -20.95 -18.07
N LYS A 518 -25.75 -20.23 -17.28
CA LYS A 518 -25.22 -19.55 -16.09
C LYS A 518 -24.58 -20.43 -15.00
N PRO A 519 -25.13 -21.61 -14.70
CA PRO A 519 -24.43 -22.40 -13.68
C PRO A 519 -23.01 -22.78 -14.09
N ILE A 520 -22.11 -22.88 -13.13
CA ILE A 520 -20.72 -23.22 -13.43
C ILE A 520 -20.42 -24.69 -13.17
N VAL A 521 -21.44 -25.49 -12.92
CA VAL A 521 -21.23 -26.89 -12.56
C VAL A 521 -20.54 -27.78 -13.58
N PHE A 522 -19.65 -28.66 -13.12
CA PHE A 522 -18.99 -29.62 -14.01
C PHE A 522 -19.38 -31.01 -13.50
N TYR A 523 -19.24 -32.04 -14.32
CA TYR A 523 -19.69 -33.38 -13.91
C TYR A 523 -18.95 -34.53 -14.61
N ASN A 524 -19.13 -35.75 -14.11
CA ASN A 524 -18.47 -36.93 -14.69
C ASN A 524 -16.98 -37.12 -14.69
N CYS A 525 -16.36 -36.97 -13.52
CA CYS A 525 -14.92 -36.80 -13.42
C CYS A 525 -14.30 -37.81 -12.48
N SER A 526 -13.39 -38.63 -13.01
CA SER A 526 -12.79 -39.70 -12.20
C SER A 526 -12.11 -39.22 -10.94
N CYS A 527 -11.56 -38.01 -10.96
CA CYS A 527 -10.80 -37.54 -9.79
C CYS A 527 -11.67 -37.40 -8.54
N LEU A 528 -12.84 -36.75 -8.63
CA LEU A 528 -13.71 -36.69 -7.48
C LEU A 528 -14.15 -38.07 -7.01
N GLU A 529 -13.91 -39.13 -7.77
CA GLU A 529 -14.42 -40.46 -7.37
C GLU A 529 -13.60 -41.20 -6.31
N VAL A 530 -13.35 -40.55 -5.18
CA VAL A 530 -12.53 -41.16 -4.10
C VAL A 530 -13.06 -42.43 -3.41
N THR A 531 -14.35 -42.48 -3.08
CA THR A 531 -14.89 -43.62 -2.32
C THR A 531 -16.06 -44.27 -3.06
N GLY A 532 -16.78 -45.21 -2.44
CA GLY A 532 -17.92 -45.74 -3.16
C GLY A 532 -19.15 -45.77 -2.28
N LEU A 533 -20.33 -45.80 -2.90
CA LEU A 533 -21.58 -45.83 -2.15
C LEU A 533 -21.60 -44.73 -1.11
N GLN A 534 -21.14 -43.54 -1.50
CA GLN A 534 -21.12 -42.41 -0.58
C GLN A 534 -21.77 -41.20 -1.21
N ASN A 535 -22.95 -41.38 -1.78
CA ASN A 535 -23.64 -40.28 -2.43
C ASN A 535 -22.66 -39.58 -3.35
N ARG A 536 -21.95 -40.35 -4.17
CA ARG A 536 -20.94 -39.77 -5.04
C ARG A 536 -21.55 -39.13 -6.28
N ASN A 537 -22.34 -38.08 -6.09
CA ASN A 537 -22.89 -37.37 -7.23
C ASN A 537 -21.82 -36.41 -7.69
N TYR A 538 -20.87 -36.89 -8.49
CA TYR A 538 -19.75 -36.06 -8.91
C TYR A 538 -20.21 -34.68 -9.36
N SER A 539 -19.59 -33.64 -8.80
CA SER A 539 -19.94 -32.27 -9.16
C SER A 539 -18.79 -31.34 -8.86
N ALA A 540 -18.80 -30.16 -9.48
CA ALA A 540 -17.74 -29.19 -9.23
C ALA A 540 -18.18 -27.79 -9.56
N HIS A 541 -17.95 -26.85 -8.65
CA HIS A 541 -18.30 -25.47 -8.90
C HIS A 541 -17.03 -24.64 -9.10
N LEU A 542 -17.16 -23.58 -9.91
CA LEU A 542 -16.01 -22.74 -10.18
C LEU A 542 -15.64 -21.94 -8.93
N GLY A 543 -14.34 -21.72 -8.76
CA GLY A 543 -13.80 -21.04 -7.61
C GLY A 543 -13.06 -21.99 -6.68
N GLU A 544 -12.27 -21.39 -5.80
CA GLU A 544 -11.55 -22.18 -4.81
C GLU A 544 -12.51 -22.72 -3.77
N CYS A 545 -12.09 -23.77 -3.07
CA CYS A 545 -12.94 -24.37 -2.06
C CYS A 545 -13.16 -23.39 -0.92
N PRO A 546 -14.41 -23.07 -0.58
CA PRO A 546 -14.66 -22.18 0.55
C PRO A 546 -14.34 -22.88 1.86
N ARG A 547 -13.53 -22.20 2.68
CA ARG A 547 -13.03 -22.80 3.90
C ARG A 547 -14.13 -22.95 4.93
N ASP A 548 -14.07 -23.99 5.74
CA ASP A 548 -15.08 -24.27 6.76
C ASP A 548 -15.24 -23.08 7.70
N ASP A 549 -16.39 -23.05 8.38
CA ASP A 549 -16.73 -21.93 9.26
C ASP A 549 -15.70 -21.78 10.38
N ALA A 550 -15.00 -22.87 10.72
CA ALA A 550 -14.01 -22.81 11.79
C ALA A 550 -12.89 -21.84 11.46
N CYS A 551 -12.69 -21.54 10.18
CA CYS A 551 -11.64 -20.60 9.79
C CYS A 551 -12.18 -19.21 9.53
N THR A 552 -13.38 -19.10 8.95
CA THR A 552 -13.97 -17.77 8.81
C THR A 552 -14.29 -17.18 10.17
N ARG A 553 -14.41 -18.01 11.20
CA ARG A 553 -14.57 -17.49 12.56
C ARG A 553 -13.26 -16.91 13.07
N LYS A 554 -12.14 -17.53 12.70
CA LYS A 554 -10.83 -17.00 13.06
C LYS A 554 -10.54 -15.72 12.28
N PHE A 555 -11.13 -15.60 11.09
CA PHE A 555 -10.94 -14.40 10.29
C PHE A 555 -11.39 -13.16 11.07
N TYR A 556 -12.49 -13.29 11.81
CA TYR A 556 -12.98 -12.16 12.59
C TYR A 556 -12.02 -11.83 13.73
N PHE A 557 -11.42 -12.85 14.34
CA PHE A 557 -10.38 -12.61 15.32
C PHE A 557 -9.23 -11.81 14.71
N PHE A 558 -8.83 -12.21 13.49
CA PHE A 558 -7.76 -11.50 12.81
C PHE A 558 -8.13 -10.04 12.59
N VAL A 559 -9.32 -9.79 12.04
CA VAL A 559 -9.72 -8.42 11.75
C VAL A 559 -9.79 -7.61 13.03
N ALA A 560 -10.29 -8.21 14.12
CA ALA A 560 -10.40 -7.50 15.38
C ALA A 560 -9.03 -7.10 15.91
N ILE A 561 -8.12 -8.07 16.03
CA ILE A 561 -6.79 -7.72 16.55
C ILE A 561 -6.01 -6.84 15.59
N GLN A 562 -6.34 -6.85 14.30
CA GLN A 562 -5.67 -5.95 13.38
C GLN A 562 -6.16 -4.52 13.57
N VAL A 563 -7.46 -4.32 13.76
CA VAL A 563 -7.96 -2.98 14.04
C VAL A 563 -7.42 -2.48 15.38
N LEU A 564 -7.33 -3.37 16.36
CA LEU A 564 -6.80 -2.97 17.66
C LEU A 564 -5.32 -2.59 17.54
N ASN A 565 -4.55 -3.36 16.77
CA ASN A 565 -3.14 -3.04 16.60
C ASN A 565 -2.95 -1.77 15.81
N LEU A 566 -3.83 -1.45 14.85
CA LEU A 566 -3.76 -0.15 14.08
C LEU A 566 -4.13 0.99 14.94
N PHE A 567 -5.05 0.80 15.86
CA PHE A 567 -5.33 1.86 16.82
C PHE A 567 -4.15 2.07 17.76
N PHE A 568 -3.55 0.99 18.23
CA PHE A 568 -2.44 1.13 19.18
C PHE A 568 -1.17 1.62 18.50
N SER A 569 -1.07 1.48 17.18
CA SER A 569 0.11 1.99 16.49
C SER A 569 -0.14 3.40 15.95
N ALA A 570 -1.40 3.83 15.94
CA ALA A 570 -1.70 5.23 15.67
C ALA A 570 -1.75 6.05 16.94
N LEU A 571 -1.85 5.40 18.10
CA LEU A 571 -1.77 6.13 19.36
C LEU A 571 -0.36 6.68 19.58
N GLY A 572 0.61 6.15 18.85
CA GLY A 572 1.98 6.60 18.93
C GLY A 572 2.52 7.22 17.66
N GLY A 573 1.67 7.43 16.65
CA GLY A 573 2.13 8.01 15.40
C GLY A 573 2.45 9.48 15.48
N THR A 574 2.06 10.14 16.57
CA THR A 574 2.43 11.53 16.82
C THR A 574 3.53 11.65 17.86
N SER A 575 4.24 10.57 18.14
CA SER A 575 5.34 10.58 19.10
C SER A 575 6.70 10.66 18.43
N HIS A 576 6.85 10.12 17.22
CA HIS A 576 8.12 10.19 16.52
C HIS A 576 8.56 11.63 16.30
N VAL A 577 7.68 12.45 15.74
CA VAL A 577 8.04 13.82 15.41
C VAL A 577 8.37 14.61 16.66
N MET A 578 7.59 14.43 17.72
CA MET A 578 7.85 15.16 18.97
C MET A 578 9.18 14.74 19.58
N LEU A 579 9.42 13.43 19.65
CA LEU A 579 10.67 12.95 20.23
C LEU A 579 11.87 13.39 19.40
N ILE A 580 11.68 13.56 18.09
CA ILE A 580 12.78 14.03 17.25
C ILE A 580 13.04 15.50 17.48
N VAL A 581 11.98 16.30 17.55
CA VAL A 581 12.15 17.74 17.75
C VAL A 581 12.73 18.03 19.13
N LYS A 582 12.52 17.11 20.08
CA LYS A 582 12.96 17.39 21.44
C LYS A 582 14.42 17.02 21.70
N ILE A 583 14.99 16.07 20.96
CA ILE A 583 16.33 15.57 21.25
C ILE A 583 17.39 16.24 20.37
N VAL A 584 16.99 17.09 19.44
CA VAL A 584 17.92 17.79 18.57
C VAL A 584 18.02 19.23 19.06
N GLN A 585 19.17 19.86 18.82
CA GLN A 585 19.36 21.26 19.16
C GLN A 585 18.23 22.11 18.59
N PRO A 586 17.91 23.23 19.24
CA PRO A 586 16.70 23.98 18.86
C PRO A 586 16.71 24.52 17.45
N GLU A 587 17.89 24.84 16.88
CA GLU A 587 17.95 25.45 15.56
C GLU A 587 18.12 24.44 14.44
N LEU A 588 17.91 23.15 14.70
CA LEU A 588 18.10 22.10 13.70
C LEU A 588 16.87 21.20 13.57
N LYS A 589 15.74 21.62 14.11
CA LYS A 589 14.55 20.77 14.08
C LYS A 589 14.15 20.43 12.66
N SER A 590 14.11 21.42 11.78
CA SER A 590 13.64 21.19 10.42
C SER A 590 14.54 20.20 9.69
N LEU A 591 15.86 20.37 9.81
CA LEU A 591 16.78 19.44 9.16
C LEU A 591 16.64 18.05 9.75
N ALA A 592 16.40 17.95 11.06
CA ALA A 592 16.20 16.66 11.69
C ALA A 592 14.98 15.95 11.11
N LEU A 593 13.84 16.62 11.11
CA LEU A 593 12.63 16.04 10.54
C LEU A 593 12.83 15.68 9.07
N GLY A 594 13.54 16.53 8.33
CA GLY A 594 13.75 16.25 6.91
C GLY A 594 14.57 15.00 6.69
N PHE A 595 15.72 14.90 7.34
CA PHE A 595 16.56 13.73 7.19
C PHE A 595 15.83 12.48 7.67
N HIS A 596 15.01 12.60 8.71
CA HIS A 596 14.27 11.43 9.19
C HIS A 596 13.23 10.98 8.18
N SER A 597 12.56 11.94 7.52
CA SER A 597 11.62 11.56 6.48
C SER A 597 12.34 10.96 5.29
N MET A 598 13.52 11.47 4.96
CA MET A 598 14.33 10.86 3.90
C MET A 598 14.61 9.40 4.22
N VAL A 599 15.08 9.12 5.43
CA VAL A 599 15.43 7.75 5.79
C VAL A 599 14.19 6.87 5.77
N ILE A 600 13.10 7.35 6.37
CA ILE A 600 11.89 6.54 6.48
C ILE A 600 11.32 6.21 5.10
N ARG A 601 11.35 7.19 4.20
CA ARG A 601 10.76 6.98 2.87
C ARG A 601 11.66 6.23 1.91
N ALA A 602 12.96 6.41 2.03
CA ALA A 602 13.88 5.81 1.09
C ALA A 602 14.45 4.48 1.55
N LEU A 603 14.20 4.08 2.80
CA LEU A 603 14.57 2.76 3.27
C LEU A 603 13.42 2.02 3.92
N GLY A 604 12.22 2.57 3.92
CA GLY A 604 11.06 1.90 4.47
C GLY A 604 9.85 2.02 3.57
N GLY A 605 10.00 2.78 2.48
CA GLY A 605 8.92 2.94 1.52
C GLY A 605 9.29 2.40 0.16
N ILE A 606 10.59 2.31 -0.11
CA ILE A 606 11.09 1.78 -1.36
C ILE A 606 11.68 0.39 -1.21
N LEU A 607 12.33 0.09 -0.09
CA LEU A 607 12.99 -1.20 0.11
C LEU A 607 12.11 -2.23 0.80
N ALA A 608 11.33 -1.83 1.82
CA ALA A 608 10.58 -2.78 2.62
C ALA A 608 9.65 -3.65 1.78
N PRO A 609 8.80 -3.07 0.92
CA PRO A 609 8.00 -3.93 0.04
C PRO A 609 8.84 -4.84 -0.82
N ILE A 610 10.04 -4.40 -1.23
CA ILE A 610 10.86 -5.21 -2.13
C ILE A 610 11.28 -6.51 -1.45
N TYR A 611 11.94 -6.42 -0.30
CA TYR A 611 12.44 -7.65 0.30
C TYR A 611 11.33 -8.44 0.98
N PHE A 612 10.26 -7.78 1.43
CA PHE A 612 9.09 -8.56 1.83
C PHE A 612 8.56 -9.39 0.68
N GLY A 613 8.45 -8.78 -0.51
CA GLY A 613 7.98 -9.51 -1.67
C GLY A 613 8.90 -10.65 -2.04
N ALA A 614 10.22 -10.43 -1.93
CA ALA A 614 11.16 -11.50 -2.23
C ALA A 614 10.99 -12.67 -1.26
N LEU A 615 11.04 -12.39 0.04
CA LEU A 615 10.95 -13.47 1.02
C LEU A 615 9.57 -14.13 1.01
N ILE A 616 8.55 -13.40 0.55
CA ILE A 616 7.24 -14.02 0.40
C ILE A 616 7.22 -14.95 -0.81
N ASP A 617 7.73 -14.47 -1.96
CA ASP A 617 7.86 -15.29 -3.15
C ASP A 617 8.80 -16.47 -2.95
N THR A 618 9.56 -16.51 -1.86
CA THR A 618 10.26 -17.73 -1.49
C THR A 618 9.30 -18.88 -1.18
N THR A 619 8.04 -18.55 -0.90
CA THR A 619 7.07 -19.59 -0.51
C THR A 619 6.07 -19.96 -1.58
N CYS A 620 6.14 -19.30 -2.74
CA CYS A 620 5.18 -19.58 -3.80
C CYS A 620 5.24 -21.05 -4.21
N ILE A 621 4.08 -21.61 -4.56
CA ILE A 621 4.05 -23.01 -4.97
C ILE A 621 3.68 -23.16 -6.44
N LYS A 622 3.02 -22.15 -7.00
CA LYS A 622 2.67 -22.19 -8.41
C LYS A 622 2.91 -20.85 -9.07
N TRP A 623 3.91 -20.77 -9.94
CA TRP A 623 4.23 -19.53 -10.61
C TRP A 623 3.60 -19.46 -11.99
N SER A 624 2.77 -18.46 -12.24
CA SER A 624 2.12 -18.33 -13.53
C SER A 624 3.24 -18.24 -14.55
N THR A 625 3.47 -19.32 -15.30
CA THR A 625 4.44 -19.29 -16.38
C THR A 625 3.96 -18.39 -17.51
N ASN A 626 4.87 -17.61 -18.08
CA ASN A 626 4.49 -16.67 -19.14
C ASN A 626 4.83 -17.21 -20.53
N ASN A 627 4.15 -16.69 -21.56
CA ASN A 627 4.45 -17.10 -22.92
C ASN A 627 5.84 -16.62 -23.33
N CYS A 628 6.22 -15.43 -22.89
CA CYS A 628 7.54 -14.92 -23.20
C CYS A 628 8.62 -15.54 -22.30
N GLY A 629 8.22 -15.99 -21.11
CA GLY A 629 9.17 -16.62 -20.20
C GLY A 629 8.46 -17.42 -19.11
N THR A 630 9.14 -18.37 -18.51
CA THR A 630 8.49 -19.23 -17.52
C THR A 630 8.04 -18.45 -16.27
N ARG A 631 8.46 -17.20 -16.17
CA ARG A 631 8.11 -16.38 -14.99
C ARG A 631 6.68 -15.87 -15.00
N GLY A 632 6.25 -15.26 -13.89
CA GLY A 632 4.91 -14.70 -13.82
C GLY A 632 4.48 -14.39 -12.40
N SER A 633 3.19 -14.16 -12.17
CA SER A 633 2.72 -13.96 -10.80
C SER A 633 2.55 -15.31 -10.12
N CYS A 634 2.16 -15.28 -8.86
CA CYS A 634 1.96 -16.52 -8.12
C CYS A 634 0.49 -16.79 -7.89
N ARG A 635 0.05 -18.00 -8.22
CA ARG A 635 -1.34 -18.37 -8.02
C ARG A 635 -1.65 -18.67 -6.56
N THR A 636 -0.82 -19.50 -5.94
CA THR A 636 -1.06 -19.87 -4.55
C THR A 636 0.22 -19.95 -3.73
N TYR A 637 0.15 -19.64 -2.44
CA TYR A 637 1.32 -19.75 -1.59
C TYR A 637 1.04 -20.85 -0.59
N ASN A 638 2.09 -21.49 -0.08
CA ASN A 638 1.87 -22.50 0.95
C ASN A 638 1.34 -21.77 2.16
N SER A 639 0.11 -22.07 2.57
CA SER A 639 -0.50 -21.34 3.68
C SER A 639 0.37 -21.20 4.93
N THR A 640 0.79 -22.31 5.54
CA THR A 640 1.55 -22.20 6.78
C THR A 640 2.93 -21.57 6.60
N SER A 641 3.56 -21.79 5.44
CA SER A 641 4.91 -21.27 5.26
C SER A 641 4.90 -19.77 4.95
N PHE A 642 3.93 -19.33 4.15
CA PHE A 642 3.77 -17.90 3.89
C PHE A 642 3.48 -17.14 5.19
N SER A 643 2.59 -17.68 5.99
CA SER A 643 2.28 -17.05 7.27
C SER A 643 3.54 -16.96 8.10
N ARG A 644 4.20 -18.10 8.29
CA ARG A 644 5.40 -18.12 9.11
C ARG A 644 6.39 -17.05 8.65
N VAL A 645 6.70 -17.01 7.35
CA VAL A 645 7.70 -16.07 6.86
C VAL A 645 7.27 -14.63 7.11
N TYR A 646 6.05 -14.30 6.72
CA TYR A 646 5.59 -12.91 6.82
C TYR A 646 5.50 -12.46 8.28
N LEU A 647 4.76 -13.19 9.10
CA LEU A 647 4.60 -12.79 10.50
C LEU A 647 5.92 -12.85 11.24
N GLY A 648 6.81 -13.78 10.88
CA GLY A 648 8.08 -13.88 11.57
C GLY A 648 9.01 -12.73 11.25
N LEU A 649 9.09 -12.33 9.98
CA LEU A 649 9.90 -11.18 9.63
C LEU A 649 9.35 -9.92 10.29
N SER A 650 8.02 -9.76 10.30
CA SER A 650 7.44 -8.59 10.93
C SER A 650 7.72 -8.57 12.43
N SER A 651 7.58 -9.72 13.10
CA SER A 651 7.82 -9.76 14.53
C SER A 651 9.30 -9.58 14.86
N MET A 652 10.19 -10.06 13.98
CA MET A 652 11.62 -9.86 14.23
C MET A 652 12.00 -8.40 14.10
N LEU A 653 11.48 -7.72 13.08
CA LEU A 653 11.72 -6.28 12.99
C LEU A 653 11.17 -5.56 14.22
N ARG A 654 9.96 -5.93 14.67
CA ARG A 654 9.38 -5.27 15.82
C ARG A 654 10.21 -5.52 17.08
N VAL A 655 10.75 -6.73 17.23
CA VAL A 655 11.55 -7.04 18.41
C VAL A 655 12.86 -6.25 18.40
N SER A 656 13.48 -6.13 17.22
CA SER A 656 14.67 -5.28 17.13
C SER A 656 14.33 -3.83 17.48
N SER A 657 13.19 -3.37 17.00
CA SER A 657 12.77 -2.00 17.31
C SER A 657 12.62 -1.80 18.80
N LEU A 658 11.85 -2.67 19.45
CA LEU A 658 11.61 -2.53 20.88
C LEU A 658 12.91 -2.56 21.67
N VAL A 659 13.85 -3.42 21.26
CA VAL A 659 15.13 -3.49 21.94
C VAL A 659 15.83 -2.14 21.90
N LEU A 660 15.83 -1.52 20.72
CA LEU A 660 16.45 -0.21 20.58
C LEU A 660 15.76 0.80 21.48
N TYR A 661 14.44 0.71 21.59
CA TYR A 661 13.71 1.62 22.46
C TYR A 661 14.25 1.52 23.87
N ILE A 662 14.46 0.30 24.34
CA ILE A 662 14.95 0.11 25.69
C ILE A 662 16.29 0.80 25.84
N ILE A 663 17.19 0.56 24.89
CA ILE A 663 18.51 1.17 24.97
C ILE A 663 18.39 2.68 24.91
N LEU A 664 17.54 3.18 24.03
CA LEU A 664 17.39 4.62 23.87
C LEU A 664 16.85 5.26 25.14
N ILE A 665 15.80 4.69 25.71
CA ILE A 665 15.23 5.23 26.93
C ILE A 665 16.30 5.20 27.99
N TYR A 666 17.07 4.12 28.02
CA TYR A 666 18.17 4.02 28.97
C TYR A 666 19.14 5.16 28.77
N ALA A 667 19.85 5.15 27.64
CA ALA A 667 20.82 6.20 27.38
C ALA A 667 20.24 7.58 27.68
N MET A 668 19.01 7.83 27.26
CA MET A 668 18.38 9.12 27.48
C MET A 668 18.23 9.42 28.97
N LYS A 669 17.73 8.44 29.74
CA LYS A 669 17.61 8.65 31.18
C LYS A 669 18.97 8.82 31.84
N LYS A 670 20.02 8.26 31.24
CA LYS A 670 21.37 8.51 31.74
C LYS A 670 21.79 9.95 31.48
N LYS A 671 21.52 10.46 30.28
CA LYS A 671 22.00 11.79 29.90
C LYS A 671 21.30 12.89 30.70
N TYR A 672 19.98 12.86 30.76
CA TYR A 672 19.21 13.93 31.40
C TYR A 672 19.23 13.79 32.92
C1 NAG B . -21.71 -39.59 -16.85
C2 NAG B . -22.62 -39.53 -18.08
C3 NAG B . -23.56 -40.73 -18.12
C4 NAG B . -22.75 -42.00 -17.98
C5 NAG B . -21.95 -41.95 -16.68
C6 NAG B . -21.16 -43.24 -16.48
C7 NAG B . -22.85 -37.17 -18.50
C8 NAG B . -22.25 -37.22 -19.87
N2 NAG B . -23.39 -38.30 -18.07
O3 NAG B . -24.27 -40.73 -19.36
O4 NAG B . -23.60 -43.14 -18.00
O5 NAG B . -21.05 -40.85 -16.74
O6 NAG B . -20.25 -43.41 -17.56
O7 NAG B . -22.84 -36.16 -17.82
C1 NAG B . -24.00 -44.10 -17.79
C2 NAG B . -23.74 -45.34 -18.63
C3 NAG B . -24.72 -46.44 -18.25
C4 NAG B . -25.90 -45.92 -17.41
C5 NAG B . -25.44 -45.12 -16.19
C6 NAG B . -25.33 -46.00 -14.95
C7 NAG B . -24.64 -44.05 -20.49
C8 NAG B . -23.94 -42.92 -21.19
N2 NAG B . -23.85 -45.01 -20.03
O3 NAG B . -24.03 -47.46 -17.52
O4 NAG B . -26.76 -45.11 -18.23
O5 NAG B . -24.17 -44.49 -16.43
O6 NAG B . -24.17 -46.83 -15.04
O7 NAG B . -25.86 -44.08 -20.37
CHA BLR C . -0.95 2.23 6.81
NA BLR C . -2.91 2.46 5.26
C1A BLR C . -2.19 2.93 6.34
C2A BLR C . -2.81 4.08 6.81
C3A BLR C . -3.94 4.30 6.01
C4A BLR C . -3.98 3.29 5.04
CMA BLR C . -4.91 5.44 6.15
CAA BLR C . -2.38 4.92 7.96
CBA BLR C . -1.51 6.10 7.56
CGA BLR C . -0.19 5.68 6.96
O1A BLR C . 0.06 6.25 5.81
O2A BLR C . 0.56 4.90 7.51
CHB BLR C . -4.94 3.11 4.03
NB BLR C . -6.93 2.22 2.91
C1B BLR C . -6.05 2.32 3.96
C2B BLR C . -6.52 1.40 4.98
C3B BLR C . -7.66 0.79 4.52
C4B BLR C . -7.93 1.31 3.18
CMB BLR C . -5.85 1.20 6.31
OB BLR C . -8.85 1.02 2.42
CAB BLR C . -8.50 -0.21 5.20
CBB BLR C . -8.76 -1.43 4.81
NC BLR C . 3.10 5.53 7.26
C1C BLR C . 3.83 6.50 7.92
C2C BLR C . 5.00 6.80 7.07
C3C BLR C . 4.95 6.02 5.95
C4C BLR C . 3.70 5.18 6.08
CMC BLR C . 6.03 7.81 7.48
OC BLR C . 3.54 7.00 9.00
CAC BLR C . 5.87 5.93 4.81
CBC BLR C . 5.64 6.27 3.58
CHD BLR C . 3.25 4.26 5.18
ND BLR C . 1.17 3.40 6.20
C1D BLR C . 2.11 3.43 5.19
C2D BLR C . 1.72 2.49 4.23
C3D BLR C . 0.53 1.91 4.68
C4D BLR C . 0.21 2.48 5.89
CMD BLR C . 2.44 2.16 2.96
CAD BLR C . -0.25 0.83 3.96
CBD BLR C . -0.66 1.25 2.56
CGD BLR C . -1.47 0.20 1.84
O1D BLR C . -0.77 -0.84 1.51
O2D BLR C . -2.65 0.33 1.60
C1 NAG D . -26.74 -35.50 -6.51
C2 NAG D . -27.02 -34.02 -6.68
C3 NAG D . -27.38 -33.39 -5.35
C4 NAG D . -28.52 -34.17 -4.71
C5 NAG D . -28.14 -35.65 -4.61
C6 NAG D . -29.26 -36.46 -3.99
C7 NAG D . -25.64 -33.33 -8.55
C8 NAG D . -24.21 -33.16 -8.96
N2 NAG D . -25.87 -33.35 -7.24
O3 NAG D . -27.79 -32.03 -5.54
O4 NAG D . -28.77 -33.67 -3.39
O5 NAG D . -27.86 -36.15 -5.92
O6 NAG D . -28.81 -37.81 -3.80
O7 NAG D . -26.53 -33.46 -9.37
#